data_7YJ7
#
_entry.id   7YJ7
#
_cell.length_a   65.426
_cell.length_b   72.294
_cell.length_c   82.610
_cell.angle_alpha   90.000
_cell.angle_beta   90.000
_cell.angle_gamma   90.000
#
_symmetry.space_group_name_H-M   'P 2 21 21'
#
loop_
_entity.id
_entity.type
_entity.pdbx_description
1 polymer 'chalcone synthase 1 (ScCHS1)'
2 non-polymer NARINGENIN
3 water water
#
_entity_poly.entity_id   1
_entity_poly.type   'polypeptide(L)'
_entity_poly.pdbx_seq_one_letter_code
;MASATIPAPAPRKMERAEGPASVLAIGTAVPPNVVYQKDYPDFYFGVTNSNHKTELKDKFQRMCDKSCVSKRHLYLTEEI
LKANPSLCAYWEPSLDLRQDIVVVEVPKLGKQAASAAIKEWGQPKSKITHLIFCTTSGVDMPGADWALAKLLGLRSSVKR
LVLYMQGCYGGGTVLRIAKDLAENNKGARVLVVCSEITAITFRGPSDTHLDSLVGQALFGDGASALIVGSDPVPAVERAW
FELHWTGSDILPNSDGAIDGHLKEVGLTFHLMKDVPAIISKNIGGILKDALAKVFPAAHDQLDSSGTTAAAPPPPTYNDL
FWITHPGGPAILDQVEDRLGLRKDKLASTRAVLDQFGNMSSATVLFIMDEMRKRSVEQQLGTTGEGHEWGLLLGFGPGLT
CETVVLRSVPLV
;
_entity_poly.pdbx_strand_id   A
#
# COMPACT_ATOMS: atom_id res chain seq x y z
N ARG A 12 -35.58 4.11 -8.04
CA ARG A 12 -34.10 4.06 -8.01
C ARG A 12 -33.58 4.24 -9.44
N LYS A 13 -33.24 5.47 -9.80
CA LYS A 13 -32.79 5.73 -11.19
C LYS A 13 -31.51 4.97 -11.53
N MET A 14 -30.68 4.67 -10.52
CA MET A 14 -29.47 3.83 -10.68
C MET A 14 -29.64 2.62 -9.74
N GLU A 15 -29.85 1.44 -10.31
CA GLU A 15 -30.03 0.19 -9.54
C GLU A 15 -28.79 -0.09 -8.70
N ARG A 16 -28.98 -0.59 -7.51
CA ARG A 16 -27.90 -0.98 -6.66
C ARG A 16 -27.59 -2.48 -6.77
N ALA A 17 -26.38 -2.88 -6.38
CA ALA A 17 -25.99 -4.27 -6.23
C ALA A 17 -26.49 -4.91 -4.96
N GLU A 18 -26.38 -6.21 -4.91
CA GLU A 18 -26.87 -6.94 -3.77
C GLU A 18 -25.79 -7.47 -2.81
N GLY A 19 -24.79 -8.15 -3.30
CA GLY A 19 -23.81 -8.81 -2.49
C GLY A 19 -22.65 -7.91 -2.05
N PRO A 20 -21.82 -8.47 -1.22
CA PRO A 20 -20.67 -7.72 -0.72
C PRO A 20 -19.64 -7.43 -1.81
N ALA A 21 -19.13 -6.21 -1.83
CA ALA A 21 -18.03 -5.88 -2.69
C ALA A 21 -16.87 -6.89 -2.61
N SER A 22 -16.42 -7.40 -3.74
CA SER A 22 -15.46 -8.48 -3.72
C SER A 22 -14.26 -8.17 -4.60
N VAL A 23 -13.09 -8.63 -4.17
CA VAL A 23 -11.89 -8.53 -4.98
C VAL A 23 -11.92 -9.65 -6.00
N LEU A 24 -11.98 -9.30 -7.29
CA LEU A 24 -12.11 -10.28 -8.36
C LEU A 24 -10.79 -10.59 -9.06
N ALA A 25 -9.76 -9.79 -8.84
CA ALA A 25 -8.45 -10.01 -9.44
C ALA A 25 -7.48 -9.03 -8.80
N ILE A 26 -6.21 -9.40 -8.78
CA ILE A 26 -5.14 -8.55 -8.26
C ILE A 26 -3.96 -8.64 -9.20
N GLY A 27 -3.40 -7.48 -9.57
CA GLY A 27 -2.14 -7.45 -10.30
C GLY A 27 -1.14 -6.55 -9.61
N THR A 28 0.14 -6.85 -9.82
CA THR A 28 1.20 -6.02 -9.25
C THR A 28 2.26 -5.80 -10.32
N ALA A 29 3.00 -4.71 -10.15
CA ALA A 29 4.12 -4.37 -11.02
C ALA A 29 5.15 -3.62 -10.19
N VAL A 30 6.42 -3.85 -10.50
CA VAL A 30 7.52 -3.12 -9.87
C VAL A 30 8.50 -2.65 -10.93
N PRO A 31 9.26 -1.58 -10.69
CA PRO A 31 10.38 -1.29 -11.59
C PRO A 31 11.33 -2.44 -11.66
N PRO A 32 11.97 -2.67 -12.82
CA PRO A 32 12.83 -3.85 -12.96
C PRO A 32 14.13 -3.73 -12.17
N ASN A 33 14.65 -2.52 -11.96
CA ASN A 33 15.91 -2.35 -11.25
C ASN A 33 15.74 -2.73 -9.78
N VAL A 34 16.58 -3.65 -9.33
CA VAL A 34 16.56 -4.14 -7.95
C VAL A 34 17.78 -3.59 -7.23
N VAL A 35 17.60 -3.17 -5.98
CA VAL A 35 18.70 -2.84 -5.10
C VAL A 35 18.60 -3.73 -3.87
N TYR A 36 19.60 -4.56 -3.65
CA TYR A 36 19.63 -5.39 -2.46
C TYR A 36 20.06 -4.57 -1.25
N GLN A 37 19.38 -4.80 -0.11
CA GLN A 37 19.64 -3.98 1.08
C GLN A 37 21.08 -4.11 1.56
N LYS A 38 21.69 -5.28 1.38
CA LYS A 38 23.11 -5.42 1.69
C LYS A 38 23.96 -4.41 0.92
N ASP A 39 23.55 -4.04 -0.29
CA ASP A 39 24.29 -3.11 -1.14
C ASP A 39 23.86 -1.66 -0.97
N TYR A 40 22.72 -1.39 -0.31
CA TYR A 40 22.12 -0.05 -0.36
C TYR A 40 22.92 1.02 0.38
N PRO A 41 23.47 0.76 1.59
CA PRO A 41 24.31 1.79 2.22
C PRO A 41 25.43 2.30 1.31
N ASP A 42 26.14 1.40 0.64
CA ASP A 42 27.18 1.83 -0.28
C ASP A 42 26.61 2.54 -1.50
N PHE A 43 25.55 1.99 -2.09
CA PHE A 43 24.90 2.62 -3.24
C PHE A 43 24.40 4.02 -2.89
N TYR A 44 23.70 4.14 -1.78
CA TYR A 44 23.08 5.41 -1.43
C TYR A 44 24.12 6.47 -1.10
N PHE A 45 25.06 6.15 -0.20
CA PHE A 45 26.08 7.12 0.18
C PHE A 45 27.07 7.40 -0.94
N GLY A 46 27.26 6.47 -1.88
CA GLY A 46 28.12 6.71 -3.01
C GLY A 46 27.54 7.70 -4.01
N VAL A 47 26.36 7.37 -4.55
CA VAL A 47 25.69 8.22 -5.51
C VAL A 47 25.29 9.57 -4.93
N THR A 48 25.34 9.72 -3.61
CA THR A 48 24.96 10.97 -2.95
C THR A 48 26.15 11.81 -2.51
N ASN A 49 27.37 11.35 -2.77
CA ASN A 49 28.61 12.10 -2.44
C ASN A 49 28.74 12.33 -0.93
N SER A 50 28.42 11.31 -0.14
CA SER A 50 28.42 11.48 1.31
C SER A 50 29.20 10.39 2.04
N ASN A 51 30.11 9.69 1.36
CA ASN A 51 30.89 8.67 2.06
C ASN A 51 31.79 9.25 3.12
N HIS A 52 32.12 10.55 3.03
CA HIS A 52 32.93 11.21 4.06
C HIS A 52 32.20 11.30 5.39
N LYS A 53 30.86 11.27 5.39
CA LYS A 53 30.05 11.35 6.61
C LYS A 53 30.01 9.97 7.26
N THR A 54 31.12 9.61 7.91
CA THR A 54 31.33 8.23 8.30
C THR A 54 30.41 7.79 9.46
N GLU A 55 30.11 8.68 10.40
CA GLU A 55 29.26 8.27 11.50
C GLU A 55 27.80 8.24 11.07
N LEU A 56 27.39 9.19 10.23
CA LEU A 56 26.05 9.13 9.65
C LEU A 56 25.87 7.85 8.85
N LYS A 57 26.94 7.42 8.16
CA LYS A 57 26.82 6.27 7.28
C LYS A 57 26.66 4.98 8.08
N ASP A 58 27.34 4.85 9.20
CA ASP A 58 27.17 3.65 10.01
C ASP A 58 25.88 3.66 10.82
N LYS A 59 25.34 4.85 11.10
CA LYS A 59 23.99 4.90 11.64
C LYS A 59 22.97 4.42 10.61
N PHE A 60 23.21 4.74 9.32
CA PHE A 60 22.33 4.26 8.26
C PHE A 60 22.52 2.77 8.02
N GLN A 61 23.76 2.29 8.10
CA GLN A 61 23.99 0.85 8.05
C GLN A 61 23.20 0.13 9.13
N ARG A 62 23.20 0.67 10.36
CA ARG A 62 22.45 0.05 11.44
C ARG A 62 20.97 0.01 11.13
N MET A 63 20.43 1.05 10.50
CA MET A 63 19.00 1.05 10.18
C MET A 63 18.68 0.03 9.09
N CYS A 64 19.59 -0.15 8.12
CA CYS A 64 19.34 -1.16 7.09
C CYS A 64 19.45 -2.56 7.66
N ASP A 65 20.43 -2.78 8.55
CA ASP A 65 20.58 -4.09 9.19
C ASP A 65 19.31 -4.50 9.92
N LYS A 66 18.60 -3.53 10.50
CA LYS A 66 17.39 -3.82 11.28
C LYS A 66 16.12 -3.68 10.47
N SER A 67 16.20 -3.27 9.21
CA SER A 67 15.00 -2.90 8.45
C SER A 67 14.09 -4.09 8.15
N CYS A 68 14.62 -5.32 8.18
CA CYS A 68 13.88 -6.50 7.71
C CYS A 68 13.46 -6.36 6.24
N VAL A 69 14.27 -5.63 5.47
CA VAL A 69 14.08 -5.47 4.03
C VAL A 69 15.28 -6.12 3.35
N SER A 70 15.04 -7.11 2.48
CA SER A 70 16.14 -7.75 1.78
C SER A 70 16.43 -7.10 0.43
N LYS A 71 15.39 -6.66 -0.28
CA LYS A 71 15.58 -5.98 -1.55
C LYS A 71 14.42 -5.03 -1.80
N ARG A 72 14.65 -4.08 -2.70
CA ARG A 72 13.59 -3.18 -3.15
C ARG A 72 13.76 -2.93 -4.63
N HIS A 73 12.64 -2.63 -5.28
CA HIS A 73 12.66 -2.26 -6.69
C HIS A 73 12.54 -0.76 -6.79
N LEU A 74 13.37 -0.14 -7.62
CA LEU A 74 13.46 1.30 -7.63
C LEU A 74 13.56 1.81 -9.06
N TYR A 75 12.70 2.76 -9.40
CA TYR A 75 12.79 3.44 -10.67
C TYR A 75 14.14 4.15 -10.81
N LEU A 76 14.56 4.85 -9.76
CA LEU A 76 15.81 5.61 -9.79
C LEU A 76 17.00 4.67 -9.89
N THR A 77 17.76 4.77 -10.98
CA THR A 77 19.02 4.06 -11.13
C THR A 77 20.18 5.01 -10.88
N GLU A 78 21.37 4.41 -10.71
CA GLU A 78 22.57 5.22 -10.59
C GLU A 78 22.72 6.11 -11.82
N GLU A 79 22.38 5.58 -13.00
CA GLU A 79 22.44 6.36 -14.23
C GLU A 79 21.52 7.58 -14.16
N ILE A 80 20.26 7.37 -13.80
CA ILE A 80 19.31 8.48 -13.72
C ILE A 80 19.75 9.49 -12.67
N LEU A 81 20.19 8.99 -11.51
CA LEU A 81 20.64 9.87 -10.45
C LEU A 81 21.84 10.71 -10.89
N LYS A 82 22.81 10.09 -11.57
CA LYS A 82 23.98 10.83 -12.01
C LYS A 82 23.63 11.83 -13.11
N ALA A 83 22.59 11.55 -13.89
CA ALA A 83 22.13 12.51 -14.90
C ALA A 83 21.37 13.68 -14.29
N ASN A 84 20.88 13.56 -13.06
CA ASN A 84 20.07 14.60 -12.41
C ASN A 84 20.61 14.87 -11.01
N PRO A 85 21.72 15.59 -10.92
CA PRO A 85 22.38 15.75 -9.60
C PRO A 85 21.52 16.45 -8.56
N SER A 86 20.45 17.16 -8.93
CA SER A 86 19.63 17.78 -7.89
C SER A 86 18.87 16.74 -7.07
N LEU A 87 18.75 15.50 -7.56
CA LEU A 87 18.12 14.45 -6.75
C LEU A 87 19.10 13.83 -5.78
N CYS A 88 20.38 13.76 -6.14
CA CYS A 88 21.41 13.27 -5.23
C CYS A 88 21.78 14.33 -4.21
N ALA A 89 21.43 15.60 -4.35
CA ALA A 89 21.57 16.51 -3.17
C ALA A 89 20.59 16.26 -2.01
N TYR A 90 20.71 16.98 -0.90
CA TYR A 90 19.76 16.84 0.21
C TYR A 90 18.62 17.84 0.27
N TRP A 91 18.91 19.08 -0.08
CA TRP A 91 17.92 20.11 0.01
C TRP A 91 18.07 21.09 -1.12
N GLU A 92 17.99 20.58 -2.33
CA GLU A 92 18.00 21.38 -3.50
C GLU A 92 16.62 21.44 -4.13
N PRO A 93 16.27 22.58 -4.70
CA PRO A 93 15.06 22.71 -5.52
C PRO A 93 14.97 21.66 -6.59
N SER A 94 13.91 20.89 -6.61
CA SER A 94 13.89 19.69 -7.40
C SER A 94 12.50 19.28 -7.84
N LEU A 95 11.49 19.95 -7.32
CA LEU A 95 10.13 19.45 -7.44
C LEU A 95 9.70 19.33 -8.90
N ASP A 96 10.02 20.33 -9.72
CA ASP A 96 9.59 20.28 -11.11
C ASP A 96 10.17 19.06 -11.82
N LEU A 97 11.43 18.74 -11.53
CA LEU A 97 12.04 17.56 -12.12
C LEU A 97 11.45 16.26 -11.56
N ARG A 98 11.20 16.22 -10.25
CA ARG A 98 10.53 15.06 -9.67
C ARG A 98 9.15 14.87 -10.28
N GLN A 99 8.37 15.95 -10.36
CA GLN A 99 7.04 15.88 -10.97
C GLN A 99 7.11 15.37 -12.41
N ASP A 100 8.01 15.94 -13.22
CA ASP A 100 8.17 15.53 -14.61
C ASP A 100 8.43 14.04 -14.73
N ILE A 101 9.07 13.44 -13.74
CA ILE A 101 9.25 11.98 -13.71
C ILE A 101 7.96 11.28 -13.29
N VAL A 102 7.47 11.56 -12.07
CA VAL A 102 6.41 10.73 -11.53
C VAL A 102 5.04 10.98 -12.18
N VAL A 103 4.77 12.16 -12.75
CA VAL A 103 3.47 12.30 -13.42
C VAL A 103 3.38 11.36 -14.61
N VAL A 104 4.52 10.95 -15.17
CA VAL A 104 4.57 9.98 -16.27
C VAL A 104 4.67 8.55 -15.76
N GLU A 105 5.61 8.28 -14.86
CA GLU A 105 6.00 6.92 -14.53
C GLU A 105 5.09 6.27 -13.49
N VAL A 106 4.41 7.05 -12.64
CA VAL A 106 3.46 6.49 -11.68
C VAL A 106 2.26 5.90 -12.43
N PRO A 107 1.62 6.63 -13.38
CA PRO A 107 0.57 5.96 -14.17
C PRO A 107 1.08 4.81 -15.02
N LYS A 108 2.30 4.92 -15.57
CA LYS A 108 2.86 3.82 -16.36
C LYS A 108 3.02 2.56 -15.54
N LEU A 109 3.59 2.68 -14.35
CA LEU A 109 3.71 1.51 -13.50
C LEU A 109 2.32 0.97 -13.14
N GLY A 110 1.38 1.87 -12.86
CA GLY A 110 0.02 1.46 -12.59
C GLY A 110 -0.63 0.76 -13.77
N LYS A 111 -0.30 1.18 -15.00
CA LYS A 111 -0.83 0.50 -16.18
C LYS A 111 -0.42 -0.97 -16.19
N GLN A 112 0.86 -1.25 -15.92
CA GLN A 112 1.33 -2.63 -15.89
C GLN A 112 0.54 -3.47 -14.88
N ALA A 113 0.37 -2.93 -13.66
CA ALA A 113 -0.39 -3.68 -12.66
C ALA A 113 -1.84 -3.87 -13.08
N ALA A 114 -2.46 -2.79 -13.60
CA ALA A 114 -3.85 -2.87 -14.06
C ALA A 114 -4.01 -3.89 -15.18
N SER A 115 -3.09 -3.90 -16.14
CA SER A 115 -3.20 -4.84 -17.24
C SER A 115 -3.15 -6.28 -16.75
N ALA A 116 -2.30 -6.54 -15.75
CA ALA A 116 -2.25 -7.88 -15.17
C ALA A 116 -3.56 -8.25 -14.48
N ALA A 117 -4.14 -7.30 -13.71
CA ALA A 117 -5.40 -7.59 -13.03
C ALA A 117 -6.51 -7.82 -14.04
N ILE A 118 -6.56 -7.01 -15.08
CA ILE A 118 -7.59 -7.18 -16.12
C ILE A 118 -7.42 -8.53 -16.79
N LYS A 119 -6.19 -8.89 -17.15
CA LYS A 119 -5.96 -10.19 -17.77
C LYS A 119 -6.49 -11.32 -16.89
N GLU A 120 -6.20 -11.29 -15.59
CA GLU A 120 -6.66 -12.34 -14.69
C GLU A 120 -8.18 -12.35 -14.61
N TRP A 121 -8.76 -11.17 -14.42
CA TRP A 121 -10.21 -11.01 -14.39
C TRP A 121 -10.86 -11.68 -15.60
N GLY A 122 -10.33 -11.42 -16.79
CA GLY A 122 -10.76 -12.11 -17.99
C GLY A 122 -11.84 -11.45 -18.79
N GLN A 123 -12.48 -10.40 -18.26
CA GLN A 123 -13.47 -9.65 -19.01
C GLN A 123 -12.81 -8.55 -19.83
N PRO A 124 -13.47 -8.08 -20.90
CA PRO A 124 -12.94 -6.93 -21.64
C PRO A 124 -12.82 -5.69 -20.76
N LYS A 125 -11.78 -4.89 -21.04
CA LYS A 125 -11.49 -3.70 -20.24
C LYS A 125 -12.63 -2.70 -20.26
N SER A 126 -13.47 -2.70 -21.29
CA SER A 126 -14.56 -1.73 -21.32
C SER A 126 -15.65 -2.06 -20.30
N LYS A 127 -15.59 -3.20 -19.61
CA LYS A 127 -16.54 -3.45 -18.53
C LYS A 127 -16.15 -2.77 -17.24
N ILE A 128 -14.97 -2.16 -17.18
CA ILE A 128 -14.62 -1.32 -16.04
C ILE A 128 -15.48 -0.07 -16.10
N THR A 129 -16.25 0.16 -15.04
CA THR A 129 -17.15 1.32 -14.97
C THR A 129 -16.62 2.44 -14.11
N HIS A 130 -15.72 2.12 -13.17
CA HIS A 130 -15.16 3.08 -12.22
C HIS A 130 -13.67 2.86 -12.11
N LEU A 131 -12.96 3.94 -11.80
CA LEU A 131 -11.51 3.91 -11.56
C LEU A 131 -11.18 4.73 -10.33
N ILE A 132 -10.45 4.13 -9.39
CA ILE A 132 -9.83 4.83 -8.26
C ILE A 132 -8.32 4.73 -8.40
N PHE A 133 -7.64 5.86 -8.44
CA PHE A 133 -6.18 5.89 -8.53
C PHE A 133 -5.65 6.58 -7.28
N CYS A 134 -4.83 5.86 -6.52
CA CYS A 134 -4.25 6.35 -5.28
C CYS A 134 -2.74 6.45 -5.42
N THR A 135 -2.17 7.59 -5.05
CA THR A 135 -0.72 7.73 -5.04
C THR A 135 -0.30 8.76 -4.01
N THR A 136 0.95 8.61 -3.55
CA THR A 136 1.62 9.62 -2.74
C THR A 136 2.72 10.31 -3.53
N SER A 137 2.84 10.00 -4.83
CA SER A 137 4.01 10.38 -5.63
C SER A 137 3.57 11.28 -6.78
N GLY A 138 3.56 12.58 -6.54
CA GLY A 138 3.27 13.55 -7.58
C GLY A 138 1.78 13.90 -7.69
N VAL A 139 1.52 15.09 -8.24
CA VAL A 139 0.17 15.59 -8.49
C VAL A 139 0.17 16.35 -9.81
N ASP A 140 -0.98 16.34 -10.49
CA ASP A 140 -1.11 16.99 -11.80
C ASP A 140 -2.58 17.11 -12.16
N MET A 141 -2.88 18.04 -13.08
CA MET A 141 -4.23 18.12 -13.66
C MET A 141 -4.14 18.19 -15.18
N PRO A 142 -4.83 17.27 -15.89
CA PRO A 142 -5.55 16.09 -15.39
C PRO A 142 -4.61 15.16 -14.63
N GLY A 143 -5.18 14.31 -13.77
CA GLY A 143 -4.39 13.56 -12.81
C GLY A 143 -3.96 12.19 -13.33
N ALA A 144 -3.31 11.45 -12.44
CA ALA A 144 -2.87 10.09 -12.75
C ALA A 144 -4.03 9.17 -13.11
N ASP A 145 -5.24 9.47 -12.64
CA ASP A 145 -6.40 8.66 -13.03
C ASP A 145 -6.69 8.81 -14.51
N TRP A 146 -6.69 10.07 -14.98
CA TRP A 146 -6.89 10.37 -16.40
C TRP A 146 -5.82 9.70 -17.25
N ALA A 147 -4.55 9.84 -16.84
CA ALA A 147 -3.45 9.29 -17.61
C ALA A 147 -3.56 7.76 -17.71
N LEU A 148 -3.93 7.10 -16.60
CA LEU A 148 -4.08 5.65 -16.65
C LEU A 148 -5.23 5.25 -17.55
N ALA A 149 -6.36 5.96 -17.45
CA ALA A 149 -7.49 5.71 -18.35
C ALA A 149 -7.05 5.82 -19.81
N LYS A 150 -6.24 6.83 -20.12
CA LYS A 150 -5.72 6.97 -21.48
C LYS A 150 -4.78 5.82 -21.84
N LEU A 151 -3.86 5.48 -20.92
CA LEU A 151 -2.89 4.42 -21.19
C LEU A 151 -3.59 3.08 -21.44
N LEU A 152 -4.67 2.82 -20.69
CA LEU A 152 -5.37 1.56 -20.81
C LEU A 152 -6.39 1.55 -21.94
N GLY A 153 -6.82 2.72 -22.39
CA GLY A 153 -7.92 2.77 -23.33
C GLY A 153 -9.27 2.44 -22.70
N LEU A 154 -9.49 2.84 -21.45
CA LEU A 154 -10.79 2.62 -20.82
C LEU A 154 -11.86 3.47 -21.50
N ARG A 155 -13.13 3.13 -21.23
CA ARG A 155 -14.22 3.88 -21.82
C ARG A 155 -14.12 5.34 -21.38
N SER A 156 -14.50 6.25 -22.28
CA SER A 156 -14.34 7.66 -21.95
C SER A 156 -15.30 8.09 -20.85
N SER A 157 -16.33 7.29 -20.58
CA SER A 157 -17.32 7.57 -19.55
C SER A 157 -17.00 6.87 -18.23
N VAL A 158 -15.80 6.33 -18.06
CA VAL A 158 -15.46 5.69 -16.80
C VAL A 158 -15.47 6.74 -15.68
N LYS A 159 -15.99 6.36 -14.52
CA LYS A 159 -16.12 7.31 -13.42
C LYS A 159 -14.84 7.30 -12.60
N ARG A 160 -14.10 8.39 -12.66
CA ARG A 160 -12.75 8.41 -12.13
C ARG A 160 -12.70 9.12 -10.79
N LEU A 161 -11.67 8.78 -10.02
CA LEU A 161 -11.41 9.39 -8.73
C LEU A 161 -9.92 9.30 -8.49
N VAL A 162 -9.25 10.42 -8.24
CA VAL A 162 -7.82 10.38 -7.95
C VAL A 162 -7.60 10.77 -6.50
N LEU A 163 -6.86 9.94 -5.76
CA LEU A 163 -6.58 10.15 -4.34
C LEU A 163 -5.09 10.47 -4.26
N TYR A 164 -4.78 11.76 -4.15
CA TYR A 164 -3.43 12.28 -4.10
C TYR A 164 -3.02 12.46 -2.65
N MET A 165 -1.70 12.39 -2.40
CA MET A 165 -1.13 12.78 -1.11
C MET A 165 -1.79 11.98 0.02
N GLN A 166 -2.02 10.70 -0.22
CA GLN A 166 -2.68 9.88 0.78
C GLN A 166 -1.69 9.36 1.82
N GLY A 167 -0.60 8.76 1.36
CA GLY A 167 0.33 8.12 2.25
C GLY A 167 -0.04 6.69 2.56
N CYS A 168 0.50 6.20 3.68
CA CYS A 168 0.57 4.75 3.90
C CYS A 168 -0.76 4.12 4.29
N TYR A 169 -1.76 4.91 4.70
CA TYR A 169 -3.08 4.32 4.95
C TYR A 169 -3.90 4.15 3.68
N GLY A 170 -3.40 4.61 2.52
CA GLY A 170 -4.26 4.74 1.35
C GLY A 170 -4.78 3.43 0.79
N GLY A 171 -4.11 2.30 1.09
CA GLY A 171 -4.62 1.02 0.65
C GLY A 171 -5.92 0.63 1.35
N GLY A 172 -6.08 1.05 2.60
CA GLY A 172 -7.38 0.90 3.26
C GLY A 172 -8.40 1.87 2.71
N THR A 173 -7.99 3.11 2.45
CA THR A 173 -8.92 4.13 1.95
C THR A 173 -9.55 3.71 0.63
N VAL A 174 -8.74 3.19 -0.32
CA VAL A 174 -9.30 2.86 -1.62
C VAL A 174 -10.31 1.71 -1.49
N LEU A 175 -10.08 0.78 -0.57
CA LEU A 175 -11.06 -0.29 -0.36
C LEU A 175 -12.34 0.25 0.26
N ARG A 176 -12.20 1.18 1.20
CA ARG A 176 -13.36 1.80 1.84
C ARG A 176 -14.23 2.49 0.80
N ILE A 177 -13.63 3.18 -0.16
CA ILE A 177 -14.39 3.84 -1.20
C ILE A 177 -14.90 2.83 -2.22
N ALA A 178 -14.03 1.94 -2.71
CA ALA A 178 -14.47 0.98 -3.71
C ALA A 178 -15.66 0.15 -3.23
N LYS A 179 -15.75 -0.12 -1.92
CA LYS A 179 -16.85 -0.94 -1.42
C LYS A 179 -18.19 -0.26 -1.68
N ASP A 180 -18.27 1.05 -1.44
CA ASP A 180 -19.52 1.76 -1.66
C ASP A 180 -19.81 1.91 -3.15
N LEU A 181 -18.78 2.14 -3.96
CA LEU A 181 -18.99 2.24 -5.41
C LEU A 181 -19.52 0.93 -5.98
N ALA A 182 -18.91 -0.19 -5.59
CA ALA A 182 -19.33 -1.49 -6.11
C ALA A 182 -20.71 -1.87 -5.60
N GLU A 183 -20.96 -1.68 -4.29
CA GLU A 183 -22.21 -2.16 -3.71
C GLU A 183 -23.40 -1.28 -4.13
N ASN A 184 -23.18 0.00 -4.37
CA ASN A 184 -24.31 0.87 -4.66
C ASN A 184 -24.65 0.98 -6.14
N ASN A 185 -23.96 0.25 -7.01
CA ASN A 185 -24.16 0.38 -8.46
C ASN A 185 -24.20 -1.01 -9.09
N LYS A 186 -25.40 -1.48 -9.44
CA LYS A 186 -25.54 -2.80 -10.07
C LYS A 186 -24.67 -2.88 -11.32
N GLY A 187 -23.85 -3.92 -11.39
CA GLY A 187 -22.98 -4.12 -12.54
C GLY A 187 -21.67 -3.37 -12.49
N ALA A 188 -21.44 -2.54 -11.46
CA ALA A 188 -20.21 -1.77 -11.41
C ALA A 188 -19.00 -2.66 -11.17
N ARG A 189 -17.93 -2.37 -11.92
CA ARG A 189 -16.63 -3.04 -11.80
C ARG A 189 -15.58 -1.95 -11.64
N VAL A 190 -14.97 -1.90 -10.46
CA VAL A 190 -14.13 -0.78 -10.06
C VAL A 190 -12.68 -1.21 -10.23
N LEU A 191 -11.97 -0.51 -11.10
CA LEU A 191 -10.51 -0.69 -11.18
C LEU A 191 -9.88 0.17 -10.08
N VAL A 192 -9.13 -0.47 -9.18
CA VAL A 192 -8.48 0.18 -8.06
C VAL A 192 -6.98 0.06 -8.27
N VAL A 193 -6.28 1.19 -8.31
CA VAL A 193 -4.84 1.18 -8.54
C VAL A 193 -4.15 2.05 -7.48
N CYS A 194 -3.15 1.48 -6.82
CA CYS A 194 -2.19 2.22 -6.00
C CYS A 194 -0.82 2.11 -6.65
N SER A 195 -0.17 3.25 -6.88
CA SER A 195 1.12 3.28 -7.56
C SER A 195 2.02 4.32 -6.93
N GLU A 196 3.23 3.90 -6.55
CA GLU A 196 4.15 4.72 -5.75
C GLU A 196 5.55 4.60 -6.30
N ILE A 197 6.21 5.75 -6.52
CA ILE A 197 7.57 5.82 -7.05
C ILE A 197 8.36 6.79 -6.17
N THR A 198 9.45 6.30 -5.57
CA THR A 198 10.17 7.10 -4.57
C THR A 198 10.94 8.27 -5.17
N ALA A 199 10.94 8.47 -6.49
CA ALA A 199 11.61 9.65 -7.04
C ALA A 199 11.04 10.96 -6.48
N ILE A 200 9.83 10.93 -5.92
CA ILE A 200 9.25 12.15 -5.35
C ILE A 200 9.89 12.55 -4.02
N THR A 201 10.54 11.61 -3.32
CA THR A 201 11.04 11.85 -1.97
C THR A 201 12.54 11.61 -1.80
N PHE A 202 13.19 10.93 -2.75
CA PHE A 202 14.59 10.57 -2.62
C PHE A 202 15.46 11.82 -2.51
N ARG A 203 16.34 11.83 -1.51
CA ARG A 203 17.27 12.95 -1.36
C ARG A 203 18.50 12.44 -0.62
N GLY A 204 19.58 13.21 -0.69
CA GLY A 204 20.80 12.87 0.02
C GLY A 204 20.59 12.85 1.52
N PRO A 205 21.51 12.26 2.27
CA PRO A 205 21.34 12.19 3.72
C PRO A 205 21.88 13.41 4.43
N SER A 206 21.38 13.62 5.65
CA SER A 206 21.88 14.66 6.53
C SER A 206 21.87 14.14 7.95
N ASP A 207 22.66 14.80 8.80
CA ASP A 207 22.61 14.54 10.22
C ASP A 207 21.54 15.36 10.92
N THR A 208 20.91 16.30 10.23
CA THR A 208 19.94 17.19 10.86
C THR A 208 18.53 16.60 10.85
N HIS A 209 18.08 15.98 9.76
CA HIS A 209 16.78 15.29 9.70
C HIS A 209 17.04 13.79 9.47
N LEU A 210 17.05 13.02 10.56
CA LEU A 210 17.21 11.56 10.54
C LEU A 210 15.92 10.83 10.20
N ASP A 211 14.78 11.53 10.19
CA ASP A 211 13.54 10.96 9.68
C ASP A 211 13.74 10.47 8.26
N SER A 212 14.26 11.35 7.40
CA SER A 212 14.47 11.04 6.00
C SER A 212 15.42 9.87 5.80
N LEU A 213 16.31 9.62 6.77
CA LEU A 213 17.16 8.44 6.68
C LEU A 213 16.35 7.16 6.80
N VAL A 214 15.41 7.12 7.76
CA VAL A 214 14.58 5.94 7.92
C VAL A 214 13.83 5.64 6.63
N GLY A 215 13.27 6.69 6.02
CA GLY A 215 12.61 6.51 4.74
C GLY A 215 13.52 5.95 3.67
N GLN A 216 14.81 6.36 3.67
CA GLN A 216 15.77 5.84 2.69
C GLN A 216 16.07 4.38 2.91
N ALA A 217 15.90 3.88 4.13
CA ALA A 217 16.12 2.47 4.38
C ALA A 217 14.89 1.61 4.07
N LEU A 218 13.69 2.19 4.06
CA LEU A 218 12.47 1.39 3.96
C LEU A 218 11.67 1.56 2.67
N PHE A 219 11.62 2.76 2.07
CA PHE A 219 10.67 3.01 1.00
C PHE A 219 11.12 2.39 -0.33
N GLY A 220 10.23 1.63 -0.95
CA GLY A 220 10.46 1.05 -2.26
C GLY A 220 9.36 1.47 -3.22
N ASP A 221 9.49 1.02 -4.47
CA ASP A 221 8.57 1.38 -5.55
C ASP A 221 7.67 0.20 -5.90
N GLY A 222 6.46 0.51 -6.39
CA GLY A 222 5.54 -0.54 -6.79
C GLY A 222 4.11 -0.09 -7.05
N ALA A 223 3.38 -0.87 -7.84
CA ALA A 223 1.97 -0.63 -8.06
C ALA A 223 1.18 -1.91 -7.90
N SER A 224 -0.02 -1.78 -7.36
CA SER A 224 -0.95 -2.89 -7.27
C SER A 224 -2.29 -2.43 -7.80
N ALA A 225 -3.05 -3.38 -8.32
CA ALA A 225 -4.31 -3.08 -8.97
C ALA A 225 -5.32 -4.17 -8.66
N LEU A 226 -6.56 -3.77 -8.39
CA LEU A 226 -7.64 -4.71 -8.10
C LEU A 226 -8.80 -4.47 -9.06
N ILE A 227 -9.57 -5.52 -9.31
CA ILE A 227 -10.93 -5.37 -9.80
C ILE A 227 -11.85 -5.66 -8.62
N VAL A 228 -12.69 -4.69 -8.28
CA VAL A 228 -13.63 -4.82 -7.17
C VAL A 228 -15.04 -4.73 -7.72
N GLY A 229 -15.89 -5.69 -7.37
CA GLY A 229 -17.26 -5.65 -7.81
C GLY A 229 -18.13 -6.52 -6.93
N SER A 230 -19.42 -6.17 -6.85
CA SER A 230 -20.42 -6.99 -6.18
C SER A 230 -21.05 -7.98 -7.16
N ASP A 231 -21.61 -9.06 -6.61
CA ASP A 231 -22.35 -10.06 -7.38
C ASP A 231 -21.50 -10.61 -8.52
N PRO A 232 -20.41 -11.31 -8.23
CA PRO A 232 -19.62 -11.89 -9.33
C PRO A 232 -20.46 -12.89 -10.11
N VAL A 233 -20.29 -12.89 -11.43
CA VAL A 233 -21.08 -13.78 -12.29
C VAL A 233 -20.63 -15.22 -12.04
N PRO A 234 -21.53 -16.10 -11.65
CA PRO A 234 -21.13 -17.48 -11.31
C PRO A 234 -20.47 -18.17 -12.49
N ALA A 235 -19.41 -18.92 -12.18
CA ALA A 235 -18.57 -19.68 -13.10
C ALA A 235 -17.84 -18.78 -14.10
N VAL A 236 -17.96 -17.46 -13.97
CA VAL A 236 -17.42 -16.51 -14.93
C VAL A 236 -16.37 -15.62 -14.27
N GLU A 237 -16.74 -14.98 -13.17
CA GLU A 237 -15.87 -14.20 -12.32
C GLU A 237 -15.58 -14.98 -11.05
N ARG A 238 -14.48 -14.64 -10.42
CA ARG A 238 -13.99 -15.34 -9.25
C ARG A 238 -13.70 -14.33 -8.16
N ALA A 239 -14.35 -14.51 -7.01
CA ALA A 239 -14.10 -13.69 -5.83
C ALA A 239 -12.93 -14.25 -5.05
N TRP A 240 -12.11 -13.38 -4.52
CA TRP A 240 -10.99 -13.78 -3.68
C TRP A 240 -11.13 -13.30 -2.24
N PHE A 241 -11.63 -12.09 -2.05
CA PHE A 241 -11.87 -11.53 -0.73
C PHE A 241 -13.13 -10.69 -0.82
N GLU A 242 -13.84 -10.62 0.30
CA GLU A 242 -15.05 -9.82 0.38
C GLU A 242 -14.82 -8.73 1.42
N LEU A 243 -15.26 -7.51 1.08
CA LEU A 243 -15.21 -6.40 2.00
C LEU A 243 -16.51 -6.36 2.79
N HIS A 244 -16.42 -6.46 4.12
CA HIS A 244 -17.64 -6.47 4.93
C HIS A 244 -17.80 -5.28 5.86
N TRP A 245 -16.71 -4.69 6.37
CA TRP A 245 -16.82 -3.61 7.35
C TRP A 245 -15.60 -2.72 7.20
N THR A 246 -15.79 -1.40 7.29
CA THR A 246 -14.66 -0.49 7.25
C THR A 246 -14.74 0.53 8.38
N GLY A 247 -13.57 0.99 8.81
CA GLY A 247 -13.51 1.98 9.86
C GLY A 247 -12.27 2.82 9.68
N SER A 248 -12.35 4.06 10.12
CA SER A 248 -11.20 4.96 10.07
C SER A 248 -11.09 5.63 11.43
N ASP A 249 -9.87 5.81 11.91
CA ASP A 249 -9.66 6.43 13.22
C ASP A 249 -8.42 7.30 13.21
N ILE A 250 -8.53 8.46 13.87
CA ILE A 250 -7.37 9.27 14.21
C ILE A 250 -6.94 8.88 15.61
N LEU A 251 -5.74 8.32 15.74
CA LEU A 251 -5.30 7.80 17.03
C LEU A 251 -5.10 8.95 18.01
N PRO A 252 -5.36 8.74 19.30
CA PRO A 252 -5.19 9.81 20.28
C PRO A 252 -3.72 10.16 20.48
N ASN A 253 -3.49 11.43 20.83
CA ASN A 253 -2.15 11.96 21.14
C ASN A 253 -1.15 11.67 20.03
N SER A 254 -1.59 11.88 18.78
CA SER A 254 -0.74 11.52 17.65
C SER A 254 -0.56 12.69 16.70
N ASP A 255 -0.98 13.88 17.10
CA ASP A 255 -0.85 15.05 16.24
C ASP A 255 0.60 15.24 15.84
N GLY A 256 0.85 15.33 14.53
CA GLY A 256 2.20 15.46 14.03
C GLY A 256 3.06 14.22 14.18
N ALA A 257 2.47 13.03 14.31
CA ALA A 257 3.29 11.83 14.40
C ALA A 257 3.95 11.51 13.08
N ILE A 258 3.25 11.73 11.96
CA ILE A 258 3.79 11.56 10.62
C ILE A 258 3.28 12.74 9.80
N ASP A 259 4.19 13.62 9.35
CA ASP A 259 3.85 14.68 8.42
C ASP A 259 4.59 14.45 7.11
N GLY A 260 3.99 14.92 6.02
CA GLY A 260 4.65 14.86 4.74
C GLY A 260 4.25 16.08 3.93
N HIS A 261 5.22 16.89 3.49
CA HIS A 261 4.94 18.13 2.81
C HIS A 261 5.54 18.12 1.41
N LEU A 262 4.76 18.62 0.45
CA LEU A 262 5.24 18.72 -0.93
C LEU A 262 5.88 20.09 -1.06
N LYS A 263 7.20 20.12 -1.08
CA LYS A 263 7.95 21.36 -1.10
C LYS A 263 8.68 21.52 -2.44
N GLU A 264 9.33 22.68 -2.60
CA GLU A 264 10.10 22.91 -3.82
C GLU A 264 11.29 21.97 -3.91
N VAL A 265 11.67 21.32 -2.81
CA VAL A 265 12.76 20.34 -2.80
C VAL A 265 12.16 18.95 -2.95
N GLY A 266 10.86 18.89 -3.22
CA GLY A 266 10.18 17.62 -3.33
C GLY A 266 9.38 17.28 -2.08
N LEU A 267 8.96 16.01 -2.02
CA LEU A 267 8.16 15.52 -0.91
C LEU A 267 9.05 15.23 0.29
N THR A 268 8.73 15.83 1.43
CA THR A 268 9.53 15.65 2.63
C THR A 268 8.74 14.85 3.65
N PHE A 269 9.47 14.09 4.46
CA PHE A 269 8.92 13.04 5.34
C PHE A 269 9.35 13.34 6.76
N HIS A 270 8.39 13.43 7.68
CA HIS A 270 8.68 13.75 9.08
C HIS A 270 8.01 12.77 10.02
N LEU A 271 8.77 12.30 11.02
CA LEU A 271 8.27 11.53 12.16
C LEU A 271 8.61 12.31 13.42
N MET A 272 7.59 12.75 14.17
CA MET A 272 7.85 13.51 15.39
C MET A 272 7.36 12.82 16.66
N LYS A 273 6.74 11.65 16.56
CA LYS A 273 6.32 10.89 17.72
C LYS A 273 6.74 9.43 17.55
N ASP A 274 6.60 8.66 18.63
CA ASP A 274 6.91 7.23 18.61
C ASP A 274 5.78 6.51 17.90
N VAL A 275 5.88 6.42 16.58
CA VAL A 275 4.81 5.81 15.79
C VAL A 275 4.55 4.37 16.20
N PRO A 276 5.56 3.50 16.38
CA PRO A 276 5.24 2.13 16.80
C PRO A 276 4.48 2.08 18.12
N ALA A 277 4.89 2.89 19.09
CA ALA A 277 4.18 2.90 20.36
C ALA A 277 2.73 3.38 20.19
N ILE A 278 2.52 4.46 19.44
CA ILE A 278 1.15 4.97 19.30
C ILE A 278 0.25 3.93 18.65
N ILE A 279 0.73 3.26 17.60
CA ILE A 279 -0.11 2.28 16.92
C ILE A 279 -0.38 1.08 17.82
N SER A 280 0.65 0.52 18.46
CA SER A 280 0.46 -0.71 19.21
C SER A 280 -0.36 -0.50 20.48
N LYS A 281 -0.27 0.67 21.14
CA LYS A 281 -1.09 0.90 22.33
C LYS A 281 -2.56 1.08 22.00
N ASN A 282 -2.89 1.49 20.77
CA ASN A 282 -4.26 1.81 20.46
C ASN A 282 -4.94 0.78 19.56
N ILE A 283 -4.19 -0.09 18.90
CA ILE A 283 -4.80 -0.93 17.87
C ILE A 283 -5.77 -1.93 18.50
N GLY A 284 -5.47 -2.43 19.71
CA GLY A 284 -6.33 -3.45 20.31
C GLY A 284 -7.76 -2.97 20.51
N GLY A 285 -7.92 -1.77 21.06
CA GLY A 285 -9.27 -1.23 21.22
C GLY A 285 -10.00 -1.04 19.91
N ILE A 286 -9.27 -0.64 18.86
CA ILE A 286 -9.90 -0.45 17.56
C ILE A 286 -10.40 -1.78 17.00
N LEU A 287 -9.57 -2.83 17.11
CA LEU A 287 -9.95 -4.12 16.57
C LEU A 287 -11.08 -4.75 17.36
N LYS A 288 -10.99 -4.69 18.69
CA LYS A 288 -12.08 -5.19 19.52
C LYS A 288 -13.39 -4.49 19.18
N ASP A 289 -13.35 -3.17 18.97
CA ASP A 289 -14.56 -2.45 18.56
C ASP A 289 -15.06 -2.92 17.20
N ALA A 290 -14.16 -2.96 16.21
CA ALA A 290 -14.57 -3.37 14.86
C ALA A 290 -15.14 -4.77 14.86
N LEU A 291 -14.50 -5.70 15.58
CA LEU A 291 -14.99 -7.06 15.61
C LEU A 291 -16.31 -7.17 16.36
N ALA A 292 -16.54 -6.32 17.37
CA ALA A 292 -17.83 -6.35 18.03
C ALA A 292 -18.95 -5.86 17.11
N LYS A 293 -18.63 -4.95 16.17
CA LYS A 293 -19.62 -4.49 15.20
C LYS A 293 -19.95 -5.59 14.20
N VAL A 294 -18.92 -6.34 13.78
CA VAL A 294 -19.13 -7.38 12.78
C VAL A 294 -19.80 -8.60 13.40
N PHE A 295 -19.51 -8.90 14.68
CA PHE A 295 -20.06 -10.07 15.34
C PHE A 295 -20.78 -9.65 16.62
N PRO A 296 -21.93 -8.99 16.49
CA PRO A 296 -22.61 -8.47 17.66
C PRO A 296 -23.29 -9.57 18.45
N ALA A 297 -23.21 -9.46 19.77
CA ALA A 297 -24.09 -10.24 20.62
C ALA A 297 -25.50 -9.66 20.55
N ALA A 298 -26.50 -10.53 20.72
CA ALA A 298 -27.89 -10.07 20.74
C ALA A 298 -28.71 -10.86 21.74
N ALA A 311 -25.83 -15.64 19.04
CA ALA A 311 -24.96 -15.02 18.05
C ALA A 311 -23.49 -15.45 18.28
N PRO A 312 -22.78 -15.73 17.19
CA PRO A 312 -21.41 -16.26 17.32
C PRO A 312 -20.47 -15.21 17.90
N PRO A 313 -19.58 -15.60 18.80
CA PRO A 313 -18.56 -14.67 19.30
C PRO A 313 -17.47 -14.47 18.27
N PRO A 314 -16.79 -13.32 18.29
CA PRO A 314 -15.82 -13.03 17.23
C PRO A 314 -14.66 -14.04 17.28
N PRO A 315 -14.04 -14.31 16.13
CA PRO A 315 -12.88 -15.21 16.15
C PRO A 315 -11.77 -14.59 16.96
N THR A 316 -10.89 -15.45 17.49
CA THR A 316 -9.72 -14.92 18.16
C THR A 316 -8.74 -14.37 17.14
N TYR A 317 -7.83 -13.51 17.61
CA TYR A 317 -6.83 -12.91 16.71
C TYR A 317 -6.07 -13.97 15.93
N ASN A 318 -5.74 -15.09 16.57
CA ASN A 318 -4.99 -16.14 15.88
C ASN A 318 -5.83 -16.93 14.88
N ASP A 319 -7.16 -16.81 14.92
CA ASP A 319 -8.03 -17.44 13.95
C ASP A 319 -8.46 -16.47 12.85
N LEU A 320 -7.84 -15.30 12.77
CA LEU A 320 -8.07 -14.32 11.70
C LEU A 320 -6.86 -14.29 10.78
N PHE A 321 -7.07 -13.90 9.52
CA PHE A 321 -5.92 -13.64 8.66
C PHE A 321 -5.60 -12.14 8.69
N TRP A 322 -4.32 -11.81 8.48
CA TRP A 322 -3.80 -10.48 8.79
C TRP A 322 -3.07 -9.88 7.59
N ILE A 323 -3.54 -8.73 7.13
CA ILE A 323 -2.92 -7.97 6.05
C ILE A 323 -2.65 -6.59 6.64
N THR A 324 -1.44 -6.38 7.12
CA THR A 324 -1.11 -5.23 7.94
C THR A 324 -0.07 -4.39 7.22
N HIS A 325 -0.33 -3.09 7.11
CA HIS A 325 0.66 -2.26 6.46
C HIS A 325 1.96 -2.33 7.25
N PRO A 326 3.08 -2.76 6.62
CA PRO A 326 4.39 -2.83 7.35
C PRO A 326 5.17 -1.52 7.23
N GLY A 327 4.69 -0.51 7.95
CA GLY A 327 5.40 0.76 7.96
C GLY A 327 6.87 0.62 8.31
N GLY A 328 7.18 -0.28 9.24
CA GLY A 328 8.52 -0.69 9.53
C GLY A 328 8.47 -1.90 10.44
N PRO A 329 9.61 -2.56 10.63
CA PRO A 329 9.61 -3.76 11.51
C PRO A 329 9.14 -3.46 12.92
N ALA A 330 9.40 -2.26 13.45
CA ALA A 330 9.06 -1.97 14.85
C ALA A 330 7.55 -1.90 15.04
N ILE A 331 6.81 -1.41 14.04
CA ILE A 331 5.35 -1.44 14.08
C ILE A 331 4.85 -2.87 14.19
N LEU A 332 5.34 -3.75 13.30
CA LEU A 332 4.88 -5.13 13.32
C LEU A 332 5.28 -5.83 14.61
N ASP A 333 6.52 -5.64 15.06
CA ASP A 333 6.97 -6.28 16.29
C ASP A 333 6.13 -5.85 17.48
N GLN A 334 5.79 -4.56 17.55
CA GLN A 334 5.07 -4.07 18.72
C GLN A 334 3.58 -4.41 18.65
N VAL A 335 3.00 -4.36 17.46
CA VAL A 335 1.61 -4.81 17.30
C VAL A 335 1.49 -6.28 17.67
N GLU A 336 2.37 -7.11 17.09
CA GLU A 336 2.35 -8.53 17.37
C GLU A 336 2.54 -8.81 18.85
N ASP A 337 3.45 -8.06 19.50
CA ASP A 337 3.69 -8.22 20.94
C ASP A 337 2.48 -7.77 21.74
N ARG A 338 1.92 -6.59 21.42
CA ARG A 338 0.85 -6.04 22.25
C ARG A 338 -0.44 -6.86 22.11
N LEU A 339 -0.72 -7.41 20.93
CA LEU A 339 -1.92 -8.20 20.69
C LEU A 339 -1.74 -9.68 21.00
N GLY A 340 -0.53 -10.12 21.32
CA GLY A 340 -0.27 -11.53 21.55
C GLY A 340 -0.51 -12.40 20.33
N LEU A 341 -0.16 -11.91 19.14
CA LEU A 341 -0.32 -12.70 17.92
C LEU A 341 0.73 -13.80 17.87
N ARG A 342 0.29 -15.00 17.51
CA ARG A 342 1.23 -16.07 17.20
C ARG A 342 2.16 -15.61 16.09
N LYS A 343 3.41 -16.09 16.14
CA LYS A 343 4.45 -15.54 15.28
C LYS A 343 4.18 -15.73 13.78
N ASP A 344 3.33 -16.69 13.40
CA ASP A 344 3.08 -16.88 11.97
C ASP A 344 1.99 -15.96 11.40
N LYS A 345 1.30 -15.19 12.25
CA LYS A 345 0.18 -14.39 11.74
C LYS A 345 0.65 -13.32 10.75
N LEU A 346 1.79 -12.67 11.03
CA LEU A 346 2.30 -11.60 10.18
C LEU A 346 3.27 -12.11 9.10
N ALA A 347 3.28 -13.42 8.80
CA ALA A 347 4.24 -13.96 7.85
C ALA A 347 4.06 -13.36 6.46
N SER A 348 2.83 -13.32 5.95
CA SER A 348 2.60 -12.75 4.61
C SER A 348 3.02 -11.29 4.56
N THR A 349 2.68 -10.54 5.60
CA THR A 349 3.04 -9.13 5.70
C THR A 349 4.54 -8.94 5.67
N ARG A 350 5.27 -9.72 6.47
CA ARG A 350 6.72 -9.59 6.51
C ARG A 350 7.38 -10.08 5.25
N ALA A 351 6.78 -11.03 4.54
CA ALA A 351 7.38 -11.46 3.27
C ALA A 351 7.37 -10.32 2.25
N VAL A 352 6.31 -9.54 2.21
CA VAL A 352 6.26 -8.43 1.25
C VAL A 352 7.23 -7.33 1.67
N LEU A 353 7.27 -7.01 2.97
CA LEU A 353 8.28 -6.08 3.48
C LEU A 353 9.68 -6.54 3.10
N ASP A 354 9.96 -7.85 3.27
CA ASP A 354 11.29 -8.38 2.97
C ASP A 354 11.67 -8.18 1.51
N GLN A 355 10.73 -8.42 0.58
CA GLN A 355 11.06 -8.48 -0.84
C GLN A 355 10.77 -7.20 -1.60
N PHE A 356 10.09 -6.23 -0.99
CA PHE A 356 9.72 -5.00 -1.68
C PHE A 356 9.88 -3.74 -0.84
N GLY A 357 10.14 -3.85 0.46
CA GLY A 357 10.11 -2.68 1.32
C GLY A 357 8.71 -2.10 1.48
N ASN A 358 8.68 -0.89 2.04
CA ASN A 358 7.45 -0.13 2.25
C ASN A 358 7.14 0.66 0.99
N MET A 359 6.09 0.24 0.27
CA MET A 359 5.61 0.90 -0.94
C MET A 359 4.40 1.77 -0.69
N SER A 360 4.33 2.39 0.50
CA SER A 360 3.24 3.28 0.92
C SER A 360 1.91 2.59 0.64
N SER A 361 0.97 3.23 -0.07
CA SER A 361 -0.42 2.74 -0.15
C SER A 361 -0.55 1.42 -0.91
N ALA A 362 0.39 1.09 -1.81
CA ALA A 362 0.30 -0.16 -2.56
C ALA A 362 0.59 -1.40 -1.70
N THR A 363 1.27 -1.24 -0.57
CA THR A 363 1.87 -2.38 0.10
C THR A 363 0.84 -3.42 0.56
N VAL A 364 -0.29 -2.98 1.13
CA VAL A 364 -1.25 -3.96 1.63
C VAL A 364 -1.86 -4.78 0.49
N LEU A 365 -1.99 -4.20 -0.72
CA LEU A 365 -2.52 -5.02 -1.81
C LEU A 365 -1.49 -6.03 -2.31
N PHE A 366 -0.19 -5.73 -2.22
CA PHE A 366 0.84 -6.74 -2.46
C PHE A 366 0.71 -7.89 -1.46
N ILE A 367 0.41 -7.56 -0.20
CA ILE A 367 0.28 -8.60 0.83
C ILE A 367 -0.97 -9.43 0.57
N MET A 368 -2.07 -8.78 0.18
CA MET A 368 -3.27 -9.52 -0.19
C MET A 368 -2.98 -10.50 -1.32
N ASP A 369 -2.18 -10.07 -2.30
CA ASP A 369 -1.78 -10.94 -3.40
C ASP A 369 -0.88 -12.07 -2.91
N GLU A 370 0.11 -11.74 -2.08
CA GLU A 370 0.97 -12.78 -1.53
C GLU A 370 0.16 -13.82 -0.78
N MET A 371 -0.81 -13.38 0.02
CA MET A 371 -1.55 -14.29 0.87
C MET A 371 -2.42 -15.25 0.06
N ARG A 372 -3.17 -14.72 -0.90
CA ARG A 372 -3.97 -15.59 -1.76
C ARG A 372 -3.10 -16.56 -2.54
N LYS A 373 -1.92 -16.13 -3.01
CA LYS A 373 -1.09 -17.03 -3.81
C LYS A 373 -0.47 -18.12 -2.96
N ARG A 374 -0.08 -17.79 -1.72
CA ARG A 374 0.39 -18.83 -0.80
C ARG A 374 -0.72 -19.82 -0.48
N SER A 375 -1.95 -19.32 -0.28
CA SER A 375 -3.06 -20.18 0.10
C SER A 375 -3.39 -21.17 -1.02
N VAL A 376 -3.42 -20.69 -2.27
CA VAL A 376 -3.63 -21.57 -3.41
C VAL A 376 -2.46 -22.55 -3.55
N GLU A 377 -1.23 -22.03 -3.46
CA GLU A 377 -0.05 -22.87 -3.64
C GLU A 377 0.00 -23.99 -2.61
N GLN A 378 -0.36 -23.69 -1.37
CA GLN A 378 -0.29 -24.67 -0.29
C GLN A 378 -1.58 -25.46 -0.13
N GLN A 379 -2.58 -25.23 -0.99
CA GLN A 379 -3.86 -25.92 -0.96
C GLN A 379 -4.49 -25.78 0.43
N LEU A 380 -4.63 -24.54 0.86
CA LEU A 380 -5.35 -24.25 2.09
C LEU A 380 -6.83 -24.10 1.79
N GLY A 381 -7.63 -24.09 2.83
CA GLY A 381 -9.05 -24.16 2.57
C GLY A 381 -9.69 -22.86 2.13
N THR A 382 -8.97 -21.75 2.25
CA THR A 382 -9.52 -20.43 1.92
C THR A 382 -8.38 -19.57 1.42
N THR A 383 -8.75 -18.46 0.76
CA THR A 383 -7.80 -17.50 0.26
C THR A 383 -7.11 -16.72 1.38
N GLY A 384 -7.62 -16.81 2.60
CA GLY A 384 -6.94 -16.22 3.74
C GLY A 384 -6.24 -17.22 4.63
N GLU A 385 -5.34 -18.02 4.04
CA GLU A 385 -4.50 -18.94 4.79
C GLU A 385 -5.32 -20.01 5.53
N GLY A 386 -6.55 -20.26 5.08
CA GLY A 386 -7.41 -21.21 5.73
C GLY A 386 -8.34 -20.62 6.77
N HIS A 387 -8.21 -19.34 7.07
CA HIS A 387 -9.15 -18.69 7.99
C HIS A 387 -10.27 -18.02 7.21
N GLU A 388 -11.42 -17.87 7.87
CA GLU A 388 -12.59 -17.29 7.21
C GLU A 388 -12.56 -15.77 7.23
N TRP A 389 -12.22 -15.17 8.38
CA TRP A 389 -12.29 -13.73 8.54
C TRP A 389 -10.89 -13.16 8.73
N GLY A 390 -10.75 -11.88 8.38
CA GLY A 390 -9.44 -11.27 8.39
C GLY A 390 -9.53 -9.76 8.51
N LEU A 391 -8.35 -9.16 8.67
CA LEU A 391 -8.19 -7.74 8.92
C LEU A 391 -7.14 -7.15 7.99
N LEU A 392 -7.50 -6.08 7.31
CA LEU A 392 -6.53 -5.27 6.58
C LEU A 392 -6.43 -3.91 7.28
N LEU A 393 -5.19 -3.48 7.57
CA LEU A 393 -4.91 -2.30 8.37
C LEU A 393 -3.93 -1.42 7.61
N GLY A 394 -4.31 -0.17 7.41
CA GLY A 394 -3.42 0.84 6.88
C GLY A 394 -3.18 1.87 7.97
N PHE A 395 -1.94 2.36 8.03
CA PHE A 395 -1.52 3.37 9.00
C PHE A 395 -0.79 4.47 8.24
N GLY A 396 -1.09 5.72 8.56
CA GLY A 396 -0.46 6.84 7.87
C GLY A 396 -0.70 8.15 8.59
N PRO A 397 -0.42 9.26 7.90
CA PRO A 397 -0.47 10.58 8.55
C PRO A 397 -1.84 10.86 9.16
N GLY A 398 -1.83 11.43 10.36
CA GLY A 398 -3.06 11.63 11.08
C GLY A 398 -2.91 11.76 12.59
N LEU A 399 -2.47 10.71 13.28
CA LEU A 399 -2.15 9.38 12.74
C LEU A 399 -3.42 8.60 12.40
N THR A 400 -3.60 8.26 11.13
CA THR A 400 -4.81 7.62 10.64
C THR A 400 -4.64 6.12 10.58
N CYS A 401 -5.61 5.39 11.14
CA CYS A 401 -5.69 3.94 11.04
C CYS A 401 -6.93 3.56 10.24
N GLU A 402 -6.73 2.87 9.12
CA GLU A 402 -7.81 2.34 8.30
C GLU A 402 -7.98 0.86 8.60
N THR A 403 -9.19 0.44 8.96
CA THR A 403 -9.46 -0.95 9.29
C THR A 403 -10.50 -1.48 8.32
N VAL A 404 -10.17 -2.56 7.61
CA VAL A 404 -11.12 -3.26 6.76
C VAL A 404 -11.25 -4.68 7.27
N VAL A 405 -12.47 -5.09 7.61
CA VAL A 405 -12.72 -6.49 7.94
C VAL A 405 -13.10 -7.22 6.67
N LEU A 406 -12.34 -8.26 6.35
CA LEU A 406 -12.48 -9.01 5.12
C LEU A 406 -12.97 -10.41 5.41
N ARG A 407 -13.64 -11.00 4.42
CA ARG A 407 -13.92 -12.42 4.44
C ARG A 407 -13.14 -13.06 3.30
N SER A 408 -12.45 -14.16 3.60
CA SER A 408 -11.80 -14.91 2.56
C SER A 408 -12.86 -15.64 1.72
N VAL A 409 -12.40 -16.38 0.72
CA VAL A 409 -13.28 -17.19 -0.12
C VAL A 409 -12.78 -18.62 -0.04
N PRO A 410 -13.65 -19.60 0.16
CA PRO A 410 -13.17 -20.99 0.24
C PRO A 410 -12.56 -21.45 -1.08
N LEU A 411 -11.48 -22.23 -0.99
CA LEU A 411 -10.77 -22.75 -2.15
C LEU A 411 -11.16 -24.21 -2.37
N VAL A 412 -11.40 -24.56 -3.63
CA VAL A 412 -11.75 -25.91 -4.07
C VAL A 412 -12.66 -26.66 -3.10
#